data_6KJJ
#
_entry.id   6KJJ
#
_cell.length_a   117.988
_cell.length_b   117.988
_cell.length_c   52.370
_cell.angle_alpha   90.000
_cell.angle_beta   90.000
_cell.angle_gamma   90.000
#
_symmetry.space_group_name_H-M   'P 4 21 2'
#
loop_
_entity.id
_entity.type
_entity.pdbx_description
1 polymer 'Putative beta-lactamase'
2 non-polymer '4-(2-acetamidoethylsulfanyl)-4-oxidanylidene-butanoic acid'
3 water water
#
_entity_poly.entity_id   1
_entity_poly.type   'polypeptide(L)'
_entity_poly.pdbx_seq_one_letter_code
;MGSSHHHHHHSSGLVPRGSHMKQTISNPAFDMKQINALNGHYQTMIDNGDLQCASYMMSRGGEVFAAESLGEFTGGQKEK
QTFQLDTIREIGALTKVFTAVAVMQLVEKGLLDLKMPVKLILPAFDKPGFGEIKILHLLTHTAGLSFELDIQKAEGIDLT
NEEEWINYLVSTPLEYGVDEAWNYSRTGFVILGIIISKVTGVSYEQYVTKHIIEALGLERTYFYVPDTLKEEVCVISEHE
CVQLEKSHHPYFPNKATSGLYSSLRDIWKLAEMFRNKGRLKDKKLLGRKTVEAMLRNQIKPGLPFYFFGAPREEGGFGLG
INLWPAGDHYFMTEGTFSHLGMGWCGMFSDPAEDFTYVFFTPISEFHPHAVLTPLNIVWAGIELEHHHHHH
;
_entity_poly.pdbx_strand_id   A
#
loop_
_chem_comp.id
_chem_comp.type
_chem_comp.name
_chem_comp.formula
D9L non-polymer '4-(2-acetamidoethylsulfanyl)-4-oxidanylidene-butanoic acid' 'C8 H13 N O4 S'
#
# COMPACT_ATOMS: atom_id res chain seq x y z
N SER A 26 18.49 -27.69 -0.84
CA SER A 26 17.93 -26.35 -0.69
C SER A 26 16.94 -26.28 0.47
N ASN A 27 17.35 -25.64 1.56
CA ASN A 27 16.46 -25.48 2.70
C ASN A 27 15.21 -24.68 2.36
N PRO A 28 15.28 -23.51 1.74
CA PRO A 28 14.05 -22.83 1.32
C PRO A 28 13.42 -23.39 0.06
N ALA A 29 14.01 -24.43 -0.53
CA ALA A 29 13.50 -25.08 -1.73
C ALA A 29 13.30 -24.06 -2.86
N PHE A 30 14.39 -23.40 -3.24
CA PHE A 30 14.36 -22.38 -4.28
C PHE A 30 15.54 -22.59 -5.21
N ASP A 31 15.26 -22.57 -6.52
CA ASP A 31 16.30 -22.68 -7.53
C ASP A 31 17.10 -21.39 -7.58
N MET A 32 18.33 -21.42 -7.07
CA MET A 32 19.13 -20.21 -6.93
C MET A 32 19.63 -19.66 -8.26
N LYS A 33 19.43 -20.38 -9.37
CA LYS A 33 19.78 -19.79 -10.66
C LYS A 33 18.80 -18.70 -11.06
N GLN A 34 17.57 -18.77 -10.54
CA GLN A 34 16.62 -17.68 -10.77
C GLN A 34 16.98 -16.42 -10.00
N ILE A 35 17.81 -16.54 -8.96
CA ILE A 35 18.34 -15.36 -8.31
C ILE A 35 19.31 -14.64 -9.23
N ASN A 36 20.20 -15.40 -9.90
CA ASN A 36 21.09 -14.82 -10.89
C ASN A 36 20.29 -14.16 -12.01
N ALA A 37 19.24 -14.83 -12.49
CA ALA A 37 18.39 -14.23 -13.52
C ALA A 37 17.70 -12.98 -13.01
N LEU A 38 17.32 -12.98 -11.72
CA LEU A 38 16.66 -11.81 -11.16
C LEU A 38 17.63 -10.64 -11.01
N ASN A 39 18.83 -10.90 -10.48
CA ASN A 39 19.83 -9.85 -10.34
C ASN A 39 20.23 -9.28 -11.69
N GLY A 40 20.45 -10.16 -12.67
CA GLY A 40 20.81 -9.69 -14.00
C GLY A 40 19.72 -8.88 -14.68
N HIS A 41 18.46 -9.21 -14.40
CA HIS A 41 17.36 -8.43 -14.97
C HIS A 41 17.36 -7.00 -14.42
N TYR A 42 17.48 -6.86 -13.09
CA TYR A 42 17.54 -5.53 -12.51
C TYR A 42 18.81 -4.79 -12.93
N GLN A 43 19.94 -5.49 -12.95
CA GLN A 43 21.20 -4.83 -13.28
C GLN A 43 21.23 -4.38 -14.74
N THR A 44 20.51 -5.07 -15.62
CA THR A 44 20.44 -4.63 -17.01
C THR A 44 19.70 -3.31 -17.15
N MET A 45 18.57 -3.18 -16.46
CA MET A 45 17.79 -1.94 -16.54
C MET A 45 18.51 -0.77 -15.88
N ILE A 46 19.36 -1.05 -14.89
CA ILE A 46 20.14 0.02 -14.27
C ILE A 46 21.24 0.49 -15.22
N ASP A 47 21.86 -0.44 -15.95
CA ASP A 47 22.89 -0.07 -16.92
C ASP A 47 22.30 0.59 -18.16
N ASN A 48 21.03 0.37 -18.45
CA ASN A 48 20.37 0.99 -19.59
C ASN A 48 19.77 2.36 -19.28
N GLY A 49 19.74 2.75 -18.01
CA GLY A 49 19.18 4.02 -17.62
C GLY A 49 17.71 4.01 -17.27
N ASP A 50 17.06 2.84 -17.33
CA ASP A 50 15.66 2.76 -16.92
C ASP A 50 15.51 2.98 -15.43
N LEU A 51 16.16 2.14 -14.63
CA LEU A 51 16.14 2.26 -13.18
C LEU A 51 17.42 2.91 -12.67
N GLN A 52 17.28 3.70 -11.60
CA GLN A 52 18.45 4.17 -10.88
C GLN A 52 18.98 3.10 -9.93
N CYS A 53 18.09 2.43 -9.22
CA CYS A 53 18.46 1.43 -8.23
C CYS A 53 17.34 0.40 -8.12
N ALA A 54 17.58 -0.63 -7.32
CA ALA A 54 16.61 -1.69 -7.12
C ALA A 54 17.03 -2.53 -5.92
N SER A 55 16.04 -3.09 -5.23
CA SER A 55 16.29 -3.98 -4.10
C SER A 55 15.11 -4.91 -3.93
N TYR A 56 15.37 -6.08 -3.35
CA TYR A 56 14.31 -7.06 -3.14
C TYR A 56 14.65 -7.92 -1.92
N MET A 57 13.69 -8.75 -1.53
CA MET A 57 13.81 -9.59 -0.35
C MET A 57 12.72 -10.66 -0.43
N MET A 58 13.11 -11.93 -0.31
CA MET A 58 12.17 -13.02 -0.42
C MET A 58 12.39 -14.02 0.71
N SER A 59 11.31 -14.70 1.10
CA SER A 59 11.33 -15.58 2.25
C SER A 59 10.54 -16.84 1.96
N ARG A 60 10.90 -17.91 2.67
CA ARG A 60 10.17 -19.17 2.64
C ARG A 60 9.93 -19.60 4.09
N GLY A 61 8.66 -19.80 4.45
CA GLY A 61 8.34 -20.19 5.81
C GLY A 61 8.77 -19.18 6.85
N GLY A 62 8.74 -17.90 6.53
CA GLY A 62 9.12 -16.86 7.47
C GLY A 62 10.61 -16.62 7.59
N GLU A 63 11.43 -17.21 6.71
CA GLU A 63 12.88 -17.07 6.76
C GLU A 63 13.37 -16.46 5.46
N VAL A 64 13.97 -15.28 5.55
CA VAL A 64 14.56 -14.64 4.38
C VAL A 64 15.79 -15.42 3.94
N PHE A 65 15.81 -15.84 2.67
CA PHE A 65 16.95 -16.57 2.13
C PHE A 65 17.64 -15.85 0.98
N ALA A 66 17.06 -14.76 0.46
CA ALA A 66 17.67 -14.02 -0.63
C ALA A 66 17.25 -12.56 -0.53
N ALA A 67 18.23 -11.66 -0.55
CA ALA A 67 17.97 -10.23 -0.50
C ALA A 67 19.16 -9.51 -1.12
N GLU A 68 18.89 -8.58 -2.02
CA GLU A 68 19.95 -7.84 -2.71
C GLU A 68 19.51 -6.41 -2.93
N SER A 69 20.49 -5.51 -2.97
CA SER A 69 20.28 -4.12 -3.33
C SER A 69 21.25 -3.77 -4.46
N LEU A 70 20.75 -3.08 -5.48
CA LEU A 70 21.55 -2.77 -6.65
C LEU A 70 21.40 -1.28 -6.99
N GLY A 71 22.41 -0.76 -7.68
CA GLY A 71 22.35 0.59 -8.19
C GLY A 71 22.60 1.65 -7.13
N GLU A 72 22.55 2.90 -7.60
CA GLU A 72 22.73 4.07 -6.76
C GLU A 72 21.57 5.02 -6.99
N PHE A 73 21.41 5.99 -6.08
CA PHE A 73 20.32 6.95 -6.19
C PHE A 73 20.85 8.35 -5.94
N THR A 74 20.14 9.33 -6.49
CA THR A 74 20.42 10.73 -6.28
C THR A 74 19.17 11.53 -6.60
N GLY A 75 18.93 12.60 -5.85
CA GLY A 75 17.83 13.49 -6.10
C GLY A 75 18.10 14.58 -7.10
N GLY A 76 19.21 14.49 -7.83
CA GLY A 76 19.58 15.51 -8.79
C GLY A 76 20.47 16.61 -8.24
N GLN A 77 20.88 16.51 -6.98
CA GLN A 77 21.74 17.54 -6.39
C GLN A 77 22.97 16.89 -5.76
N LYS A 78 22.75 16.04 -4.75
CA LYS A 78 23.83 15.29 -4.16
C LYS A 78 24.44 14.33 -5.20
N GLU A 79 25.61 13.81 -4.89
CA GLU A 79 26.18 12.74 -5.70
C GLU A 79 25.41 11.45 -5.42
N LYS A 80 25.81 10.36 -6.08
CA LYS A 80 25.06 9.12 -5.98
C LYS A 80 25.43 8.37 -4.71
N GLN A 81 24.42 8.02 -3.92
CA GLN A 81 24.57 7.17 -2.76
C GLN A 81 24.23 5.73 -3.13
N THR A 82 24.89 4.79 -2.46
CA THR A 82 24.65 3.38 -2.71
C THR A 82 23.31 2.97 -2.13
N PHE A 83 22.48 2.31 -2.94
CA PHE A 83 21.21 1.79 -2.49
C PHE A 83 21.43 0.56 -1.61
N GLN A 84 20.85 0.57 -0.42
CA GLN A 84 21.08 -0.48 0.56
C GLN A 84 19.77 -1.19 0.90
N LEU A 85 19.90 -2.32 1.62
CA LEU A 85 18.73 -3.11 1.97
C LEU A 85 17.89 -2.44 3.04
N ASP A 86 18.51 -1.62 3.90
CA ASP A 86 17.79 -0.91 4.94
C ASP A 86 17.58 0.57 4.58
N THR A 87 17.83 0.94 3.33
CA THR A 87 17.56 2.31 2.89
C THR A 87 16.07 2.61 2.99
N ILE A 88 15.73 3.74 3.59
CA ILE A 88 14.35 4.14 3.76
C ILE A 88 13.85 4.77 2.46
N ARG A 89 12.60 4.46 2.10
CA ARG A 89 12.01 4.91 0.84
C ARG A 89 10.51 5.01 1.02
N GLU A 90 9.92 6.04 0.41
CA GLU A 90 8.47 6.17 0.44
C GLU A 90 7.81 5.01 -0.28
N ILE A 91 6.71 4.51 0.28
CA ILE A 91 6.02 3.33 -0.24
C ILE A 91 4.74 3.69 -0.95
N GLY A 92 4.35 4.96 -0.97
CA GLY A 92 3.18 5.36 -1.76
C GLY A 92 1.90 4.68 -1.32
N ALA A 93 1.21 4.08 -2.28
CA ALA A 93 -0.09 3.46 -2.04
C ALA A 93 -0.02 2.26 -1.09
N LEU A 94 1.17 1.74 -0.79
CA LEU A 94 1.29 0.70 0.22
C LEU A 94 0.82 1.19 1.59
N THR A 95 0.79 2.51 1.80
CA THR A 95 0.23 3.05 3.03
C THR A 95 -1.24 2.63 3.22
N LYS A 96 -1.94 2.38 2.12
CA LYS A 96 -3.34 1.96 2.22
C LYS A 96 -3.48 0.66 3.01
N VAL A 97 -2.48 -0.21 2.95
CA VAL A 97 -2.54 -1.45 3.71
C VAL A 97 -2.48 -1.17 5.21
N PHE A 98 -1.66 -0.19 5.61
CA PHE A 98 -1.64 0.23 7.00
C PHE A 98 -2.99 0.79 7.42
N THR A 99 -3.62 1.58 6.56
CA THR A 99 -4.94 2.11 6.86
C THR A 99 -5.97 1.00 7.00
N ALA A 100 -5.87 -0.03 6.15
CA ALA A 100 -6.82 -1.14 6.21
C ALA A 100 -6.70 -1.91 7.52
N VAL A 101 -5.46 -2.13 7.99
CA VAL A 101 -5.27 -2.80 9.28
C VAL A 101 -5.87 -1.98 10.40
N ALA A 102 -5.68 -0.65 10.35
CA ALA A 102 -6.22 0.21 11.39
C ALA A 102 -7.75 0.16 11.42
N VAL A 103 -8.38 0.17 10.25
CA VAL A 103 -9.84 0.09 10.20
C VAL A 103 -10.32 -1.24 10.77
N MET A 104 -9.67 -2.34 10.38
CA MET A 104 -10.10 -3.65 10.84
C MET A 104 -9.82 -3.87 12.32
N GLN A 105 -8.78 -3.21 12.86
CA GLN A 105 -8.58 -3.25 14.30
C GLN A 105 -9.76 -2.61 15.02
N LEU A 106 -10.21 -1.45 14.55
CA LEU A 106 -11.34 -0.78 15.18
C LEU A 106 -12.61 -1.62 15.08
N VAL A 107 -12.72 -2.48 14.06
CA VAL A 107 -13.86 -3.37 13.97
C VAL A 107 -13.75 -4.48 15.01
N GLU A 108 -12.53 -5.00 15.23
CA GLU A 108 -12.33 -5.99 16.27
C GLU A 108 -12.67 -5.45 17.64
N LYS A 109 -12.49 -4.15 17.85
CA LYS A 109 -12.77 -3.51 19.13
C LYS A 109 -14.23 -3.12 19.30
N GLY A 110 -15.03 -3.21 18.25
CA GLY A 110 -16.43 -2.89 18.32
C GLY A 110 -16.78 -1.43 18.08
N LEU A 111 -15.79 -0.59 17.77
CA LEU A 111 -16.05 0.83 17.54
C LEU A 111 -16.50 1.12 16.12
N LEU A 112 -16.15 0.27 15.16
CA LEU A 112 -16.56 0.44 13.77
C LEU A 112 -17.21 -0.84 13.27
N ASP A 113 -18.07 -0.67 12.27
CA ASP A 113 -18.66 -1.79 11.54
C ASP A 113 -18.54 -1.50 10.05
N LEU A 114 -18.25 -2.54 9.27
CA LEU A 114 -18.04 -2.35 7.84
C LEU A 114 -19.30 -1.87 7.13
N LYS A 115 -20.47 -2.19 7.66
CA LYS A 115 -21.74 -1.76 7.09
C LYS A 115 -22.18 -0.41 7.61
N MET A 116 -21.39 0.24 8.47
CA MET A 116 -21.74 1.56 8.95
C MET A 116 -21.77 2.55 7.78
N PRO A 117 -22.84 3.32 7.61
CA PRO A 117 -22.80 4.44 6.66
C PRO A 117 -21.83 5.50 7.17
N VAL A 118 -21.08 6.09 6.24
CA VAL A 118 -20.08 7.10 6.60
C VAL A 118 -20.75 8.31 7.25
N LYS A 119 -22.00 8.61 6.85
CA LYS A 119 -22.70 9.75 7.42
C LYS A 119 -22.94 9.61 8.93
N LEU A 120 -22.83 8.39 9.46
CA LEU A 120 -22.95 8.22 10.91
C LEU A 120 -21.76 8.86 11.63
N ILE A 121 -20.56 8.69 11.10
CA ILE A 121 -19.37 9.27 11.70
CA ILE A 121 -19.36 9.27 11.69
C ILE A 121 -19.13 10.70 11.20
N LEU A 122 -19.19 10.90 9.89
CA LEU A 122 -19.00 12.20 9.26
C LEU A 122 -20.35 12.72 8.79
N PRO A 123 -21.05 13.52 9.59
CA PRO A 123 -22.42 13.92 9.21
C PRO A 123 -22.49 14.78 7.95
N ALA A 124 -21.37 15.20 7.38
CA ALA A 124 -21.39 15.91 6.12
C ALA A 124 -21.84 15.02 4.97
N PHE A 125 -21.70 13.70 5.11
CA PHE A 125 -22.14 12.76 4.09
C PHE A 125 -23.65 12.53 4.11
N ASP A 126 -24.39 13.24 4.97
CA ASP A 126 -25.84 13.09 5.05
C ASP A 126 -26.50 13.92 3.95
N LYS A 127 -26.38 13.42 2.74
CA LYS A 127 -26.93 14.06 1.55
C LYS A 127 -27.07 13.01 0.46
N PRO A 128 -27.89 13.27 -0.57
CA PRO A 128 -28.07 12.27 -1.63
C PRO A 128 -26.76 11.80 -2.23
N GLY A 129 -26.64 10.49 -2.42
CA GLY A 129 -25.44 9.90 -2.96
C GLY A 129 -24.44 9.51 -1.89
N PHE A 130 -23.96 10.52 -1.15
CA PHE A 130 -22.99 10.25 -0.10
C PHE A 130 -23.61 9.53 1.08
N GLY A 131 -24.92 9.66 1.26
CA GLY A 131 -25.59 9.05 2.40
C GLY A 131 -25.62 7.54 2.37
N GLU A 132 -25.35 6.93 1.21
CA GLU A 132 -25.33 5.48 1.10
C GLU A 132 -23.92 4.91 0.98
N ILE A 133 -22.89 5.74 1.18
CA ILE A 133 -21.51 5.26 1.20
C ILE A 133 -21.26 4.64 2.57
N LYS A 134 -20.82 3.39 2.58
CA LYS A 134 -20.50 2.68 3.81
C LYS A 134 -18.99 2.45 3.89
N ILE A 135 -18.53 2.05 5.08
CA ILE A 135 -17.10 1.83 5.29
C ILE A 135 -16.60 0.67 4.43
N LEU A 136 -17.45 -0.32 4.18
CA LEU A 136 -17.07 -1.41 3.29
C LEU A 136 -16.79 -0.91 1.87
N HIS A 137 -17.52 0.12 1.43
CA HIS A 137 -17.31 0.65 0.09
C HIS A 137 -15.97 1.33 -0.04
N LEU A 138 -15.54 2.06 0.99
CA LEU A 138 -14.24 2.74 0.94
C LEU A 138 -13.09 1.75 0.95
N LEU A 139 -13.24 0.64 1.71
CA LEU A 139 -12.16 -0.33 1.80
C LEU A 139 -11.97 -1.11 0.51
N THR A 140 -13.05 -1.29 -0.27
CA THR A 140 -13.01 -2.10 -1.48
C THR A 140 -13.06 -1.26 -2.75
N HIS A 141 -12.93 0.06 -2.64
CA HIS A 141 -12.92 0.97 -3.80
C HIS A 141 -14.19 0.82 -4.64
N THR A 142 -15.34 0.71 -3.96
CA THR A 142 -16.63 0.61 -4.63
C THR A 142 -17.61 1.67 -4.15
N ALA A 143 -17.11 2.77 -3.60
CA ALA A 143 -17.96 3.84 -3.08
C ALA A 143 -18.39 4.84 -4.14
N GLY A 144 -18.00 4.62 -5.40
CA GLY A 144 -18.36 5.55 -6.45
C GLY A 144 -17.54 6.82 -6.50
N LEU A 145 -16.51 6.93 -5.66
CA LEU A 145 -15.65 8.11 -5.67
C LEU A 145 -14.70 8.06 -6.87
N SER A 146 -14.38 9.25 -7.38
CA SER A 146 -13.41 9.35 -8.46
C SER A 146 -12.01 9.00 -7.93
N PHE A 147 -11.04 8.98 -8.85
CA PHE A 147 -9.68 8.67 -8.45
C PHE A 147 -9.15 9.67 -7.43
N GLU A 148 -9.51 10.95 -7.58
CA GLU A 148 -8.97 11.98 -6.73
C GLU A 148 -9.81 13.24 -6.87
N LEU A 149 -9.62 14.16 -5.93
CA LEU A 149 -10.23 15.49 -5.99
C LEU A 149 -9.28 16.44 -6.71
N ASP A 150 -9.81 17.21 -7.65
CA ASP A 150 -9.01 18.22 -8.33
C ASP A 150 -8.80 19.41 -7.40
N ILE A 151 -7.55 19.90 -7.36
CA ILE A 151 -7.17 20.93 -6.41
C ILE A 151 -7.21 22.33 -7.00
N GLN A 152 -7.43 22.47 -8.31
CA GLN A 152 -7.53 23.80 -8.90
C GLN A 152 -8.85 24.48 -8.56
N LYS A 153 -9.91 23.71 -8.32
CA LYS A 153 -11.21 24.25 -7.98
C LYS A 153 -11.34 24.63 -6.52
N ALA A 154 -10.38 24.22 -5.67
CA ALA A 154 -10.43 24.47 -4.24
C ALA A 154 -9.78 25.79 -3.85
N GLU A 155 -9.69 26.74 -4.78
CA GLU A 155 -9.03 28.00 -4.49
C GLU A 155 -9.73 28.72 -3.34
N GLY A 156 -8.98 29.03 -2.28
CA GLY A 156 -9.48 29.71 -1.12
C GLY A 156 -9.67 28.83 0.11
N ILE A 157 -9.75 27.51 -0.07
CA ILE A 157 -9.98 26.60 1.04
C ILE A 157 -8.71 25.79 1.29
N ASP A 158 -8.52 25.40 2.55
CA ASP A 158 -7.32 24.70 3.00
C ASP A 158 -7.51 23.20 2.76
N LEU A 159 -6.80 22.67 1.76
CA LEU A 159 -6.98 21.27 1.38
C LEU A 159 -6.50 20.31 2.48
N THR A 160 -5.50 20.72 3.25
CA THR A 160 -4.96 19.93 4.35
C THR A 160 -5.69 20.18 5.67
N ASN A 161 -6.79 20.93 5.64
CA ASN A 161 -7.67 21.05 6.80
C ASN A 161 -8.75 20.00 6.72
N GLU A 162 -9.03 19.36 7.87
CA GLU A 162 -9.98 18.25 7.88
CA GLU A 162 -9.98 18.24 7.87
C GLU A 162 -11.40 18.73 7.59
N GLU A 163 -11.85 19.77 8.30
CA GLU A 163 -13.21 20.25 8.10
C GLU A 163 -13.41 20.85 6.72
N GLU A 164 -12.39 21.51 6.17
CA GLU A 164 -12.54 22.14 4.86
C GLU A 164 -12.52 21.09 3.74
N TRP A 165 -11.63 20.11 3.83
CA TRP A 165 -11.50 19.12 2.78
C TRP A 165 -12.75 18.26 2.64
N ILE A 166 -13.46 18.03 3.75
CA ILE A 166 -14.68 17.22 3.70
C ILE A 166 -15.78 17.93 2.95
N ASN A 167 -16.02 19.21 3.29
CA ASN A 167 -17.08 19.96 2.64
C ASN A 167 -16.81 20.15 1.15
N TYR A 168 -15.54 20.26 0.77
CA TYR A 168 -15.21 20.37 -0.65
C TYR A 168 -15.41 19.04 -1.37
N LEU A 169 -15.24 17.92 -0.66
CA LEU A 169 -15.44 16.61 -1.28
C LEU A 169 -16.91 16.37 -1.57
N VAL A 170 -17.79 16.61 -0.59
CA VAL A 170 -19.22 16.38 -0.76
C VAL A 170 -19.90 17.47 -1.57
N SER A 171 -19.17 18.50 -1.98
CA SER A 171 -19.66 19.50 -2.92
C SER A 171 -19.35 19.14 -4.37
N THR A 172 -18.63 18.04 -4.59
CA THR A 172 -18.23 17.50 -5.89
C THR A 172 -19.09 16.31 -6.23
N PRO A 173 -19.61 16.21 -7.45
CA PRO A 173 -20.45 15.06 -7.81
C PRO A 173 -19.66 13.76 -7.81
N LEU A 174 -20.37 12.67 -7.50
CA LEU A 174 -19.78 11.35 -7.49
C LEU A 174 -19.69 10.79 -8.91
N GLU A 175 -18.67 9.96 -9.15
CA GLU A 175 -18.51 9.34 -10.45
C GLU A 175 -19.60 8.31 -10.71
N TYR A 176 -19.78 7.39 -9.77
CA TYR A 176 -20.83 6.38 -9.83
C TYR A 176 -21.52 6.32 -8.47
N GLY A 177 -22.63 5.61 -8.43
CA GLY A 177 -23.24 5.23 -7.17
C GLY A 177 -22.46 4.08 -6.54
N VAL A 178 -22.90 3.70 -5.35
CA VAL A 178 -22.21 2.63 -4.63
C VAL A 178 -22.44 1.30 -5.33
N ASP A 179 -21.42 0.43 -5.28
CA ASP A 179 -21.49 -0.93 -5.81
C ASP A 179 -21.75 -0.96 -7.31
N GLU A 180 -21.35 0.09 -8.02
CA GLU A 180 -21.51 0.13 -9.46
C GLU A 180 -20.27 -0.37 -10.20
N ALA A 181 -19.08 -0.15 -9.64
CA ALA A 181 -17.84 -0.54 -10.29
C ALA A 181 -16.72 -0.48 -9.27
N TRP A 182 -15.66 -1.23 -9.55
CA TRP A 182 -14.41 -1.09 -8.81
C TRP A 182 -13.61 0.04 -9.42
N ASN A 183 -13.48 1.15 -8.71
CA ASN A 183 -12.75 2.32 -9.19
C ASN A 183 -11.74 2.70 -8.12
N TYR A 184 -10.46 2.46 -8.40
CA TYR A 184 -9.41 2.79 -7.47
C TYR A 184 -9.43 4.28 -7.15
N SER A 185 -9.53 4.60 -5.86
CA SER A 185 -9.70 5.97 -5.40
C SER A 185 -8.76 6.23 -4.22
N ARG A 186 -7.96 7.28 -4.33
CA ARG A 186 -7.17 7.72 -3.19
C ARG A 186 -8.03 8.48 -2.18
N THR A 187 -9.05 9.19 -2.67
CA THR A 187 -9.97 9.89 -1.78
C THR A 187 -10.63 8.95 -0.79
N GLY A 188 -10.91 7.71 -1.20
CA GLY A 188 -11.61 6.78 -0.33
C GLY A 188 -10.86 6.49 0.95
N PHE A 189 -9.53 6.36 0.86
CA PHE A 189 -8.74 6.02 2.03
C PHE A 189 -8.35 7.23 2.87
N VAL A 190 -8.40 8.44 2.29
CA VAL A 190 -8.28 9.64 3.11
C VAL A 190 -9.48 9.74 4.06
N ILE A 191 -10.67 9.40 3.57
CA ILE A 191 -11.86 9.41 4.42
C ILE A 191 -11.73 8.40 5.54
N LEU A 192 -11.18 7.20 5.22
CA LEU A 192 -10.98 6.19 6.26
C LEU A 192 -10.03 6.70 7.35
N GLY A 193 -8.97 7.40 6.95
CA GLY A 193 -8.08 7.99 7.94
C GLY A 193 -8.76 9.02 8.80
N ILE A 194 -9.74 9.73 8.25
CA ILE A 194 -10.52 10.69 9.04
C ILE A 194 -11.44 9.96 10.00
N ILE A 195 -12.06 8.87 9.55
CA ILE A 195 -12.93 8.07 10.41
C ILE A 195 -12.12 7.46 11.55
N ILE A 196 -10.91 6.97 11.24
CA ILE A 196 -10.03 6.45 12.28
C ILE A 196 -9.74 7.51 13.32
N SER A 197 -9.48 8.74 12.88
CA SER A 197 -9.18 9.83 13.80
C SER A 197 -10.38 10.18 14.67
N LYS A 198 -11.60 9.99 14.16
CA LYS A 198 -12.78 10.41 14.90
C LYS A 198 -13.08 9.45 16.05
N VAL A 199 -13.12 8.14 15.77
CA VAL A 199 -13.53 7.17 16.78
C VAL A 199 -12.46 6.85 17.81
N THR A 200 -11.22 7.32 17.61
CA THR A 200 -10.13 6.99 18.51
C THR A 200 -9.67 8.16 19.38
N GLY A 201 -10.01 9.40 19.03
CA GLY A 201 -9.59 10.55 19.79
C GLY A 201 -8.19 11.04 19.50
N VAL A 202 -7.40 10.30 18.72
CA VAL A 202 -6.06 10.72 18.33
C VAL A 202 -6.03 10.82 16.80
N SER A 203 -4.94 11.41 16.30
CA SER A 203 -4.78 11.54 14.86
C SER A 203 -4.54 10.18 14.21
N TYR A 204 -4.79 10.12 12.91
CA TYR A 204 -4.54 8.89 12.16
C TYR A 204 -3.09 8.47 12.27
N GLU A 205 -2.17 9.43 12.16
CA GLU A 205 -0.75 9.12 12.21
C GLU A 205 -0.37 8.57 13.58
N GLN A 206 -0.89 9.16 14.65
CA GLN A 206 -0.58 8.68 16.00
C GLN A 206 -1.13 7.28 16.23
N TYR A 207 -2.34 7.00 15.73
CA TYR A 207 -2.93 5.68 15.94
C TYR A 207 -2.12 4.60 15.22
N VAL A 208 -1.79 4.83 13.95
CA VAL A 208 -1.06 3.81 13.19
C VAL A 208 0.35 3.63 13.74
N THR A 209 0.98 4.73 14.16
CA THR A 209 2.33 4.63 14.71
C THR A 209 2.37 3.76 15.95
N LYS A 210 1.37 3.89 16.83
CA LYS A 210 1.37 3.18 18.10
C LYS A 210 0.82 1.76 17.99
N HIS A 211 -0.25 1.57 17.23
CA HIS A 211 -0.95 0.29 17.20
C HIS A 211 -0.57 -0.59 16.02
N ILE A 212 0.25 -0.08 15.09
CA ILE A 212 0.68 -0.89 13.95
C ILE A 212 2.21 -0.85 13.84
N ILE A 213 2.75 0.36 13.69
CA ILE A 213 4.20 0.50 13.49
C ILE A 213 4.96 -0.02 14.70
N GLU A 214 4.62 0.49 15.88
CA GLU A 214 5.31 0.05 17.09
C GLU A 214 4.84 -1.32 17.54
N ALA A 215 3.56 -1.66 17.32
CA ALA A 215 3.04 -2.94 17.79
C ALA A 215 3.59 -4.11 16.97
N LEU A 216 3.93 -3.88 15.70
CA LEU A 216 4.51 -4.91 14.85
C LEU A 216 6.03 -4.94 14.94
N GLY A 217 6.66 -3.91 15.48
CA GLY A 217 8.10 -3.88 15.61
C GLY A 217 8.84 -3.32 14.41
N LEU A 218 8.20 -2.46 13.62
CA LEU A 218 8.85 -1.86 12.47
C LEU A 218 9.85 -0.81 12.96
N GLU A 219 11.12 -1.00 12.61
CA GLU A 219 12.20 -0.16 13.13
C GLU A 219 12.55 1.00 12.22
N ARG A 220 12.15 0.96 10.95
CA ARG A 220 12.48 1.99 9.97
C ARG A 220 11.24 2.42 9.20
N THR A 221 10.14 2.65 9.91
CA THR A 221 8.89 3.09 9.32
C THR A 221 8.44 4.36 10.03
N TYR A 222 8.27 5.43 9.27
CA TYR A 222 7.88 6.72 9.82
C TYR A 222 6.91 7.42 8.87
N PHE A 223 5.91 8.09 9.44
CA PHE A 223 5.15 9.05 8.65
C PHE A 223 5.99 10.27 8.35
N TYR A 224 6.97 10.58 9.20
CA TYR A 224 7.89 11.69 9.00
C TYR A 224 9.27 11.27 9.50
N VAL A 225 10.23 11.22 8.59
CA VAL A 225 11.57 10.72 8.92
C VAL A 225 12.27 11.71 9.83
N PRO A 226 12.88 11.28 10.93
CA PRO A 226 13.63 12.20 11.78
C PRO A 226 14.82 12.80 11.06
N ASP A 227 15.34 13.89 11.61
CA ASP A 227 16.41 14.63 10.94
C ASP A 227 17.68 13.78 10.83
N THR A 228 17.97 12.96 11.84
CA THR A 228 19.20 12.18 11.84
C THR A 228 19.18 11.04 10.83
N LEU A 229 18.01 10.66 10.33
CA LEU A 229 17.88 9.61 9.34
C LEU A 229 17.51 10.14 7.96
N LYS A 230 17.35 11.45 7.80
CA LYS A 230 16.86 12.01 6.55
C LYS A 230 17.89 11.89 5.43
N GLU A 231 19.18 11.91 5.76
CA GLU A 231 20.20 11.78 4.73
C GLU A 231 20.27 10.38 4.15
N GLU A 232 19.66 9.39 4.81
CA GLU A 232 19.66 8.01 4.36
C GLU A 232 18.33 7.61 3.71
N VAL A 233 17.61 8.58 3.14
CA VAL A 233 16.35 8.32 2.46
C VAL A 233 16.59 8.34 0.96
N CYS A 234 16.07 7.33 0.26
CA CYS A 234 16.22 7.25 -1.18
C CYS A 234 15.28 8.23 -1.86
N VAL A 235 15.83 9.17 -2.60
CA VAL A 235 15.07 10.16 -3.36
C VAL A 235 15.65 10.23 -4.77
N ILE A 236 14.75 10.33 -5.76
CA ILE A 236 15.15 10.35 -7.16
C ILE A 236 14.65 11.60 -7.86
N SER A 237 14.18 12.60 -7.12
CA SER A 237 13.72 13.86 -7.71
C SER A 237 13.76 14.93 -6.63
N GLU A 238 13.77 16.18 -7.09
CA GLU A 238 13.82 17.31 -6.16
C GLU A 238 12.53 17.42 -5.37
N HIS A 239 11.38 17.21 -6.01
CA HIS A 239 10.13 17.25 -5.28
C HIS A 239 10.01 16.13 -4.25
N GLU A 240 10.80 15.05 -4.40
CA GLU A 240 10.84 14.04 -3.35
C GLU A 240 11.67 14.51 -2.16
N CYS A 241 12.71 15.31 -2.40
CA CYS A 241 13.49 15.88 -1.30
C CYS A 241 12.76 17.03 -0.62
N VAL A 242 11.98 17.81 -1.38
CA VAL A 242 11.18 18.87 -0.78
C VAL A 242 10.15 18.28 0.17
N GLN A 243 9.36 17.32 -0.32
CA GLN A 243 8.38 16.64 0.53
C GLN A 243 9.03 15.96 1.72
N LEU A 244 10.32 15.62 1.60
CA LEU A 244 11.01 14.92 2.69
C LEU A 244 11.09 15.76 3.95
N GLU A 245 11.11 17.09 3.82
CA GLU A 245 11.22 17.99 4.94
C GLU A 245 9.90 18.64 5.34
N LYS A 246 8.79 18.19 4.76
CA LYS A 246 7.49 18.75 5.07
C LYS A 246 6.83 17.97 6.21
N SER A 247 5.98 18.64 6.96
CA SER A 247 5.33 18.05 8.12
C SER A 247 3.89 17.66 7.87
N HIS A 248 3.37 17.88 6.66
CA HIS A 248 2.02 17.48 6.29
C HIS A 248 1.99 17.07 4.83
N HIS A 249 0.94 16.34 4.46
CA HIS A 249 0.73 16.02 3.07
C HIS A 249 0.39 17.29 2.29
N PRO A 250 0.89 17.44 1.06
CA PRO A 250 0.69 18.71 0.34
C PRO A 250 -0.76 19.04 0.03
N TYR A 251 -1.68 18.07 0.06
CA TYR A 251 -3.06 18.38 -0.31
C TYR A 251 -4.07 17.38 0.25
N PHE A 252 -3.75 16.74 1.37
CA PHE A 252 -4.65 15.80 2.03
C PHE A 252 -4.63 16.04 3.54
N PRO A 253 -5.78 16.00 4.21
CA PRO A 253 -5.79 16.22 5.67
C PRO A 253 -5.02 15.18 6.46
N ASN A 254 -4.63 14.07 5.84
CA ASN A 254 -3.83 13.05 6.52
C ASN A 254 -2.99 12.30 5.49
N LYS A 255 -2.29 11.28 5.95
CA LYS A 255 -1.43 10.44 5.11
C LYS A 255 -1.95 9.01 5.02
N ALA A 256 -3.27 8.83 5.06
CA ALA A 256 -3.85 7.49 5.06
C ALA A 256 -3.84 6.85 3.69
N THR A 257 -3.73 7.64 2.62
CA THR A 257 -3.70 7.09 1.27
C THR A 257 -2.29 6.96 0.70
N SER A 258 -1.32 7.64 1.30
CA SER A 258 0.06 7.69 0.81
C SER A 258 0.87 8.54 1.78
N GLY A 259 2.18 8.37 1.74
CA GLY A 259 3.06 9.24 2.51
C GLY A 259 3.86 8.54 3.60
N LEU A 260 3.87 7.22 3.60
CA LEU A 260 4.65 6.46 4.58
C LEU A 260 6.02 6.14 4.03
N TYR A 261 7.05 6.35 4.86
CA TYR A 261 8.40 5.94 4.55
C TYR A 261 8.72 4.65 5.30
N SER A 262 9.34 3.69 4.62
CA SER A 262 9.59 2.40 5.23
C SER A 262 10.79 1.74 4.55
N SER A 263 11.12 0.54 5.01
CA SER A 263 12.23 -0.25 4.53
C SER A 263 11.71 -1.58 3.97
N LEU A 264 12.61 -2.31 3.32
CA LEU A 264 12.25 -3.63 2.80
C LEU A 264 11.84 -4.57 3.93
N ARG A 265 12.60 -4.57 5.04
CA ARG A 265 12.32 -5.48 6.13
C ARG A 265 10.97 -5.21 6.77
N ASP A 266 10.61 -3.92 6.91
CA ASP A 266 9.32 -3.59 7.52
C ASP A 266 8.16 -3.97 6.60
N ILE A 267 8.29 -3.70 5.30
CA ILE A 267 7.26 -4.14 4.36
C ILE A 267 7.18 -5.65 4.34
N TRP A 268 8.33 -6.33 4.50
CA TRP A 268 8.32 -7.79 4.58
C TRP A 268 7.58 -8.27 5.83
N LYS A 269 7.75 -7.55 6.94
CA LYS A 269 7.07 -7.93 8.18
C LYS A 269 5.56 -7.79 8.05
N LEU A 270 5.10 -6.75 7.34
CA LEU A 270 3.67 -6.56 7.16
C LEU A 270 3.07 -7.66 6.31
N ALA A 271 3.76 -8.06 5.23
CA ALA A 271 3.27 -9.16 4.41
C ALA A 271 3.30 -10.48 5.18
N GLU A 272 4.33 -10.70 5.98
CA GLU A 272 4.41 -11.93 6.76
C GLU A 272 3.36 -11.96 7.87
N MET A 273 2.97 -10.79 8.39
CA MET A 273 1.89 -10.75 9.37
C MET A 273 0.58 -11.22 8.75
N PHE A 274 0.33 -10.86 7.49
CA PHE A 274 -0.88 -11.31 6.81
C PHE A 274 -0.83 -12.80 6.50
N ARG A 275 0.32 -13.29 6.02
CA ARG A 275 0.43 -14.70 5.67
C ARG A 275 0.26 -15.59 6.90
N ASN A 276 0.64 -15.10 8.07
CA ASN A 276 0.44 -15.83 9.31
C ASN A 276 -0.87 -15.49 9.99
N LYS A 277 -1.77 -14.79 9.29
CA LYS A 277 -3.13 -14.50 9.76
C LYS A 277 -3.13 -13.64 11.01
N GLY A 278 -2.29 -12.60 11.02
CA GLY A 278 -2.32 -11.57 12.04
C GLY A 278 -1.17 -11.59 13.03
N ARG A 279 -0.37 -12.64 13.07
CA ARG A 279 0.70 -12.77 14.04
C ARG A 279 2.06 -12.70 13.36
N LEU A 280 3.03 -12.10 14.04
CA LEU A 280 4.44 -12.16 13.68
C LEU A 280 5.17 -12.57 14.96
N LYS A 281 5.26 -13.88 15.18
CA LYS A 281 5.79 -14.47 16.42
C LYS A 281 4.91 -13.96 17.56
N ASP A 282 5.45 -13.20 18.52
CA ASP A 282 4.68 -12.72 19.65
C ASP A 282 3.96 -11.41 19.38
N LYS A 283 4.14 -10.82 18.20
CA LYS A 283 3.47 -9.58 17.84
C LYS A 283 2.16 -9.90 17.14
N LYS A 284 1.05 -9.43 17.71
CA LYS A 284 -0.27 -9.67 17.16
C LYS A 284 -0.92 -8.34 16.79
N LEU A 285 -1.35 -8.21 15.54
CA LEU A 285 -2.05 -7.03 15.06
C LEU A 285 -3.52 -7.26 14.79
N LEU A 286 -3.90 -8.48 14.38
CA LEU A 286 -5.29 -8.78 14.07
C LEU A 286 -5.58 -10.21 14.49
N GLY A 287 -6.87 -10.53 14.54
CA GLY A 287 -7.28 -11.90 14.80
C GLY A 287 -7.23 -12.75 13.54
N ARG A 288 -7.13 -14.07 13.77
CA ARG A 288 -7.04 -15.01 12.66
C ARG A 288 -8.25 -14.91 11.74
N LYS A 289 -9.45 -14.78 12.32
CA LYS A 289 -10.66 -14.71 11.50
C LYS A 289 -10.76 -13.38 10.76
N THR A 290 -10.16 -12.31 11.30
CA THR A 290 -10.24 -11.02 10.64
C THR A 290 -9.41 -10.99 9.37
N VAL A 291 -8.20 -11.55 9.41
CA VAL A 291 -7.34 -11.59 8.23
C VAL A 291 -7.98 -12.46 7.14
N GLU A 292 -8.62 -13.55 7.54
CA GLU A 292 -9.32 -14.39 6.57
C GLU A 292 -10.43 -13.62 5.86
N ALA A 293 -11.05 -12.68 6.56
CA ALA A 293 -12.03 -11.81 5.91
C ALA A 293 -11.35 -10.82 4.97
N MET A 294 -10.17 -10.32 5.35
CA MET A 294 -9.47 -9.34 4.52
C MET A 294 -8.95 -9.96 3.24
N LEU A 295 -8.64 -11.25 3.24
CA LEU A 295 -8.09 -11.93 2.07
C LEU A 295 -9.16 -12.57 1.20
N ARG A 296 -10.44 -12.33 1.52
CA ARG A 296 -11.55 -12.85 0.73
C ARG A 296 -11.98 -11.82 -0.30
N ASN A 297 -12.46 -12.30 -1.45
CA ASN A 297 -12.94 -11.40 -2.49
C ASN A 297 -14.22 -10.73 -2.03
N GLN A 298 -14.22 -9.39 -2.00
CA GLN A 298 -15.34 -8.62 -1.48
C GLN A 298 -16.09 -7.85 -2.57
N ILE A 299 -15.83 -8.14 -3.83
CA ILE A 299 -16.43 -7.41 -4.94
C ILE A 299 -17.56 -8.24 -5.54
N LYS A 300 -18.66 -7.58 -5.85
CA LYS A 300 -19.78 -8.25 -6.49
C LYS A 300 -19.37 -8.78 -7.86
N PRO A 301 -19.92 -9.92 -8.29
CA PRO A 301 -19.58 -10.46 -9.60
C PRO A 301 -20.07 -9.56 -10.73
N GLY A 302 -19.33 -9.58 -11.83
CA GLY A 302 -19.70 -8.83 -13.01
C GLY A 302 -19.40 -7.34 -12.98
N LEU A 303 -18.91 -6.82 -11.86
CA LEU A 303 -18.62 -5.39 -11.76
C LEU A 303 -17.45 -5.02 -12.67
N PRO A 304 -17.55 -3.92 -13.41
CA PRO A 304 -16.41 -3.44 -14.18
C PRO A 304 -15.36 -2.80 -13.29
N PHE A 305 -14.10 -2.92 -13.71
CA PHE A 305 -12.97 -2.41 -12.97
C PHE A 305 -12.35 -1.22 -13.70
N TYR A 306 -11.94 -0.21 -12.94
CA TYR A 306 -11.33 0.98 -13.50
C TYR A 306 -10.16 1.41 -12.62
N PHE A 307 -9.04 1.74 -13.27
CA PHE A 307 -7.89 2.32 -12.60
C PHE A 307 -7.41 3.51 -13.43
N PHE A 308 -7.46 4.69 -12.84
CA PHE A 308 -7.05 5.93 -13.51
C PHE A 308 -7.82 6.12 -14.81
N GLY A 309 -9.15 6.11 -14.69
CA GLY A 309 -10.03 6.32 -15.83
C GLY A 309 -10.09 5.18 -16.82
N ALA A 310 -8.94 4.55 -17.09
CA ALA A 310 -8.89 3.46 -18.04
C ALA A 310 -9.44 2.17 -17.43
N PRO A 311 -10.03 1.30 -18.25
CA PRO A 311 -10.51 0.02 -17.72
C PRO A 311 -9.36 -0.88 -17.30
N ARG A 312 -9.68 -1.82 -16.42
CA ARG A 312 -8.71 -2.78 -15.91
C ARG A 312 -9.28 -4.19 -16.02
N GLU A 313 -8.39 -5.18 -16.01
CA GLU A 313 -8.82 -6.56 -16.02
C GLU A 313 -9.43 -6.93 -14.66
N GLU A 314 -10.59 -7.58 -14.70
CA GLU A 314 -11.29 -8.00 -13.50
C GLU A 314 -10.38 -8.84 -12.61
N GLY A 315 -10.60 -8.74 -11.30
CA GLY A 315 -9.74 -9.43 -10.35
C GLY A 315 -10.27 -9.33 -8.94
N GLY A 316 -9.89 -10.31 -8.12
CA GLY A 316 -10.31 -10.30 -6.73
C GLY A 316 -9.71 -9.13 -5.97
N PHE A 317 -10.46 -8.65 -4.99
CA PHE A 317 -10.00 -7.59 -4.11
C PHE A 317 -10.66 -7.77 -2.75
N GLY A 318 -9.84 -7.75 -1.70
CA GLY A 318 -10.29 -7.96 -0.34
C GLY A 318 -10.63 -6.67 0.37
N LEU A 319 -10.40 -6.66 1.69
CA LEU A 319 -10.60 -5.48 2.51
C LEU A 319 -9.31 -4.66 2.48
N GLY A 320 -9.16 -3.89 1.40
CA GLY A 320 -7.96 -3.11 1.19
C GLY A 320 -6.78 -3.87 0.66
N ILE A 321 -6.89 -5.19 0.49
CA ILE A 321 -5.81 -6.03 -0.03
C ILE A 321 -6.18 -6.47 -1.44
N ASN A 322 -5.19 -6.50 -2.31
CA ASN A 322 -5.39 -6.91 -3.69
C ASN A 322 -5.17 -8.42 -3.82
N LEU A 323 -6.13 -9.10 -4.44
CA LEU A 323 -6.01 -10.53 -4.71
C LEU A 323 -5.63 -10.82 -6.16
N TRP A 324 -5.35 -9.77 -6.94
CA TRP A 324 -4.94 -9.82 -8.32
C TRP A 324 -3.62 -9.07 -8.49
N PRO A 325 -2.71 -9.54 -9.35
CA PRO A 325 -2.83 -10.74 -10.19
C PRO A 325 -2.48 -12.04 -9.47
N ALA A 326 -3.22 -13.10 -9.80
CA ALA A 326 -2.97 -14.43 -9.25
C ALA A 326 -3.66 -15.45 -10.14
N GLY A 327 -3.04 -16.62 -10.25
CA GLY A 327 -3.57 -17.63 -11.16
C GLY A 327 -3.48 -17.18 -12.60
N ASP A 328 -4.43 -17.66 -13.41
CA ASP A 328 -4.55 -17.31 -14.83
C ASP A 328 -3.21 -17.64 -15.49
N HIS A 329 -2.66 -16.76 -16.33
CA HIS A 329 -1.35 -16.99 -16.95
C HIS A 329 -0.20 -16.63 -16.02
N TYR A 330 -0.46 -15.97 -14.91
CA TYR A 330 0.60 -15.64 -13.96
C TYR A 330 1.09 -16.90 -13.24
N PHE A 331 2.33 -16.82 -12.75
CA PHE A 331 2.90 -17.95 -12.03
C PHE A 331 2.45 -17.99 -10.58
N MET A 332 1.97 -16.87 -10.04
CA MET A 332 1.53 -16.82 -8.65
C MET A 332 0.32 -17.72 -8.44
N THR A 333 0.36 -18.52 -7.38
CA THR A 333 -0.76 -19.41 -7.08
C THR A 333 -2.01 -18.60 -6.76
N GLU A 334 -3.17 -19.21 -7.03
CA GLU A 334 -4.43 -18.61 -6.63
C GLU A 334 -4.44 -18.39 -5.12
N GLY A 335 -4.99 -17.25 -4.70
CA GLY A 335 -4.95 -16.86 -3.31
C GLY A 335 -3.79 -15.96 -2.94
N THR A 336 -2.83 -15.77 -3.84
CA THR A 336 -1.75 -14.83 -3.59
C THR A 336 -2.31 -13.42 -3.46
N PHE A 337 -2.03 -12.77 -2.34
CA PHE A 337 -2.44 -11.40 -2.11
C PHE A 337 -1.25 -10.46 -2.27
N SER A 338 -1.55 -9.20 -2.54
CA SER A 338 -0.52 -8.26 -2.94
C SER A 338 -1.02 -6.83 -2.78
N HIS A 339 -0.13 -5.88 -3.03
CA HIS A 339 -0.46 -4.47 -3.19
C HIS A 339 0.75 -3.77 -3.78
N LEU A 340 0.49 -2.88 -4.73
CA LEU A 340 1.53 -2.09 -5.37
C LEU A 340 1.49 -0.65 -4.86
N GLY A 341 2.54 0.08 -5.17
CA GLY A 341 2.61 1.48 -4.81
C GLY A 341 3.57 2.22 -5.72
N MET A 342 3.20 3.43 -6.15
CA MET A 342 4.10 4.24 -6.97
C MET A 342 5.42 4.44 -6.25
N GLY A 343 6.49 4.57 -7.03
CA GLY A 343 7.81 4.54 -6.45
C GLY A 343 8.90 4.03 -7.38
N TRP A 344 8.86 2.76 -7.75
CA TRP A 344 7.76 1.85 -7.39
C TRP A 344 8.12 0.87 -6.29
N CYS A 345 7.10 0.17 -5.79
CA CYS A 345 7.26 -0.75 -4.68
C CYS A 345 6.14 -1.77 -4.72
N GLY A 346 6.27 -2.83 -3.92
CA GLY A 346 5.31 -3.90 -3.97
C GLY A 346 5.63 -4.98 -2.94
N MET A 347 4.57 -5.68 -2.55
CA MET A 347 4.67 -6.84 -1.66
C MET A 347 3.77 -7.94 -2.22
N PHE A 348 4.30 -9.16 -2.30
CA PHE A 348 3.58 -10.30 -2.84
C PHE A 348 3.79 -11.49 -1.92
N SER A 349 2.69 -12.12 -1.49
CA SER A 349 2.74 -13.22 -0.55
C SER A 349 1.88 -14.36 -1.07
N ASP A 350 2.49 -15.55 -1.22
CA ASP A 350 1.81 -16.74 -1.69
C ASP A 350 1.56 -17.67 -0.51
N PRO A 351 0.35 -17.69 0.07
CA PRO A 351 0.11 -18.58 1.22
C PRO A 351 0.28 -20.05 0.89
N ALA A 352 -0.06 -20.46 -0.33
CA ALA A 352 0.05 -21.88 -0.70
C ALA A 352 1.50 -22.34 -0.71
N GLU A 353 2.44 -21.43 -0.94
CA GLU A 353 3.86 -21.76 -0.94
C GLU A 353 4.61 -21.22 0.26
N ASP A 354 3.91 -20.56 1.20
CA ASP A 354 4.54 -19.92 2.35
C ASP A 354 5.63 -18.94 1.92
N PHE A 355 5.43 -18.33 0.76
CA PHE A 355 6.44 -17.52 0.08
C PHE A 355 6.05 -16.06 0.09
N THR A 356 7.02 -15.18 0.29
CA THR A 356 6.80 -13.74 0.29
C THR A 356 7.91 -13.07 -0.50
N TYR A 357 7.55 -12.04 -1.26
CA TYR A 357 8.51 -11.28 -2.06
C TYR A 357 8.14 -9.80 -1.97
N VAL A 358 9.09 -8.99 -1.51
CA VAL A 358 8.94 -7.54 -1.45
C VAL A 358 10.09 -6.92 -2.23
N PHE A 359 9.83 -5.75 -2.82
CA PHE A 359 10.83 -5.14 -3.68
C PHE A 359 10.69 -3.63 -3.68
N PHE A 360 11.81 -2.95 -3.94
CA PHE A 360 11.85 -1.51 -4.16
C PHE A 360 12.48 -1.27 -5.52
N THR A 361 11.73 -0.62 -6.42
CA THR A 361 12.23 -0.27 -7.75
C THR A 361 11.96 1.22 -7.98
N PRO A 362 12.82 2.09 -7.46
CA PRO A 362 12.62 3.53 -7.66
C PRO A 362 12.68 3.91 -9.14
N ILE A 363 11.57 4.47 -9.63
CA ILE A 363 11.43 4.91 -11.01
C ILE A 363 10.29 5.92 -11.06
N SER A 364 10.38 6.87 -11.99
CA SER A 364 9.49 8.03 -11.99
C SER A 364 8.14 7.78 -12.66
N GLU A 365 7.88 6.55 -13.11
CA GLU A 365 6.63 6.18 -13.78
C GLU A 365 6.47 4.68 -13.65
N PHE A 366 5.53 4.10 -14.41
CA PHE A 366 5.35 2.66 -14.39
C PHE A 366 5.72 2.03 -15.74
N HIS A 367 6.19 0.79 -15.67
CA HIS A 367 6.55 -0.07 -16.78
C HIS A 367 6.54 -1.50 -16.26
N PRO A 368 5.62 -2.35 -16.75
CA PRO A 368 5.53 -3.70 -16.17
C PRO A 368 6.79 -4.51 -16.35
N HIS A 369 7.58 -4.26 -17.39
CA HIS A 369 8.84 -4.95 -17.56
C HIS A 369 9.81 -4.64 -16.41
N ALA A 370 9.68 -3.45 -15.82
CA ALA A 370 10.54 -3.08 -14.71
C ALA A 370 9.97 -3.47 -13.36
N VAL A 371 8.64 -3.56 -13.24
CA VAL A 371 7.98 -3.77 -11.96
C VAL A 371 7.42 -5.18 -11.84
N LEU A 372 6.64 -5.63 -12.82
CA LEU A 372 5.90 -6.87 -12.70
C LEU A 372 6.54 -8.06 -13.42
N THR A 373 7.46 -7.81 -14.35
CA THR A 373 8.17 -8.93 -14.97
C THR A 373 9.00 -9.73 -13.99
N PRO A 374 9.71 -9.14 -13.01
CA PRO A 374 10.43 -9.98 -12.03
C PRO A 374 9.55 -10.97 -11.28
N LEU A 375 8.23 -10.80 -11.29
CA LEU A 375 7.37 -11.78 -10.64
C LEU A 375 7.43 -13.13 -11.34
N ASN A 376 7.52 -13.12 -12.67
CA ASN A 376 7.70 -14.37 -13.40
C ASN A 376 9.02 -15.04 -13.05
N ILE A 377 10.07 -14.24 -12.86
CA ILE A 377 11.39 -14.79 -12.59
C ILE A 377 11.43 -15.42 -11.20
N VAL A 378 10.81 -14.76 -10.21
CA VAL A 378 10.91 -15.25 -8.84
C VAL A 378 10.11 -16.52 -8.65
N TRP A 379 8.85 -16.52 -9.08
CA TRP A 379 7.99 -17.69 -8.85
C TRP A 379 8.40 -18.89 -9.69
N ALA A 380 9.16 -18.68 -10.78
CA ALA A 380 9.65 -19.80 -11.56
C ALA A 380 10.75 -20.57 -10.85
N GLY A 381 11.33 -20.01 -9.79
CA GLY A 381 12.33 -20.72 -9.02
C GLY A 381 11.81 -21.48 -7.83
N ILE A 382 10.52 -21.32 -7.51
CA ILE A 382 9.94 -21.98 -6.36
C ILE A 382 9.88 -23.49 -6.61
N GLU A 383 10.58 -24.25 -5.77
CA GLU A 383 10.51 -25.70 -5.79
C GLU A 383 9.58 -26.17 -4.67
N LEU A 384 9.29 -27.47 -4.67
CA LEU A 384 8.35 -28.01 -3.69
C LEU A 384 8.94 -27.93 -2.29
N GLU A 385 8.18 -27.32 -1.38
CA GLU A 385 8.66 -27.07 -0.03
C GLU A 385 8.92 -28.39 0.71
N HIS A 386 10.00 -28.41 1.49
CA HIS A 386 10.37 -29.59 2.26
C HIS A 386 10.75 -29.20 3.68
C10 D9L B . -1.66 4.51 -6.99
C11 D9L B . -1.15 5.89 -6.58
C12 D9L B . -1.30 6.12 -5.08
C02 D9L B . -0.55 3.47 -7.05
C04 D9L B . -1.20 0.59 -6.85
C05 D9L B . -2.67 0.24 -6.97
C07 D9L B . -4.11 -1.35 -8.29
C08 D9L B . -5.09 -1.42 -7.13
N06 D9L B . -2.92 -0.53 -8.18
O01 D9L B . 0.47 3.66 -6.47
O09 D9L B . -4.31 -1.97 -9.28
O13 D9L B . -0.27 6.31 -4.38
O14 D9L B . -2.44 6.09 -4.56
S03 D9L B . -0.79 1.94 -7.99
#